data_5FOU
#
_entry.id   5FOU
#
_cell.length_a   40.263
_cell.length_b   60.571
_cell.length_c   87.927
_cell.angle_alpha   90.00
_cell.angle_beta   90.00
_cell.angle_gamma   90.00
#
_symmetry.space_group_name_H-M   'P 21 21 21'
#
loop_
_entity.id
_entity.type
_entity.pdbx_description
1 polymer 'DNA REPAIR AND RECOMBINATION PROTEIN RADA'
2 polymer 'FHPA PEPTIDE'
3 non-polymer 'PHOSPHATE ION'
4 water water
#
loop_
_entity_poly.entity_id
_entity_poly.type
_entity_poly.pdbx_seq_one_letter_code
_entity_poly.pdbx_strand_id
1 'polypeptide(L)'
;MATIGRISTGSKSLDKLLGGGIETQAITEVFGEFGSGKTQLAHTLAVMVQLPPEEGGLNGSVMWIDTENTFRPERIREIA
QNRGLDPDEVLKHIAYARAFNSNHQMLLVQQAEDMIKELLNTDRPVKLLIVDSLTSHFRSEYIGRGALAERQQKLAKHLA
DLHRLANLYDIAVFVTNQVQANGGHILAHSATLRVYLRKGKGGKRIARLIDAPHLPEGEAVFSITEKGIED
;
A
2 'polypeptide(L)' (ACE)FHPA(NH2) C
#
loop_
_chem_comp.id
_chem_comp.type
_chem_comp.name
_chem_comp.formula
ACE non-polymer 'ACETYL GROUP' 'C2 H4 O'
NH2 non-polymer 'AMINO GROUP' 'H2 N'
PO4 non-polymer 'PHOSPHATE ION' 'O4 P -3'
#
# COMPACT_ATOMS: atom_id res chain seq x y z
N ALA A 2 -2.54 -0.73 21.29
CA ALA A 2 -2.49 -2.00 20.57
C ALA A 2 -1.08 -2.30 20.04
N THR A 3 -0.63 -3.55 20.19
CA THR A 3 0.61 -4.03 19.60
C THR A 3 0.50 -3.98 18.08
N ILE A 4 1.58 -3.68 17.38
CA ILE A 4 1.51 -3.63 15.92
C ILE A 4 1.47 -5.02 15.29
N GLY A 5 0.86 -5.12 14.12
CA GLY A 5 0.88 -6.32 13.32
C GLY A 5 1.81 -6.17 12.12
N ARG A 6 2.18 -7.29 11.50
N ARG A 6 2.21 -7.29 11.56
CA ARG A 6 3.11 -7.32 10.38
CA ARG A 6 3.02 -7.26 10.35
C ARG A 6 2.64 -8.22 9.24
C ARG A 6 2.35 -8.12 9.30
N ILE A 7 2.38 -7.63 8.07
CA ILE A 7 1.86 -8.36 6.93
C ILE A 7 3.00 -8.84 6.02
N SER A 8 3.09 -10.15 5.82
N SER A 8 3.09 -10.15 5.83
CA SER A 8 4.09 -10.71 4.90
CA SER A 8 4.08 -10.71 4.91
C SER A 8 3.81 -10.30 3.47
C SER A 8 3.81 -10.27 3.47
N THR A 9 4.88 -10.06 2.72
CA THR A 9 4.77 -9.67 1.31
C THR A 9 4.81 -10.89 0.38
N GLY A 10 5.27 -12.03 0.89
CA GLY A 10 5.52 -13.19 0.04
C GLY A 10 6.96 -13.29 -0.43
N SER A 11 7.70 -12.18 -0.34
CA SER A 11 9.14 -12.17 -0.59
C SER A 11 9.92 -12.32 0.71
N LYS A 12 10.76 -13.35 0.78
CA LYS A 12 11.58 -13.57 1.96
C LYS A 12 12.54 -12.43 2.25
N SER A 13 13.26 -11.96 1.21
CA SER A 13 14.19 -10.86 1.44
C SER A 13 13.46 -9.56 1.77
N LEU A 14 12.32 -9.29 1.10
CA LEU A 14 11.60 -8.05 1.40
C LEU A 14 11.04 -8.08 2.82
N ASP A 15 10.51 -9.23 3.24
CA ASP A 15 10.07 -9.36 4.63
C ASP A 15 11.22 -9.08 5.62
N LYS A 16 12.40 -9.63 5.35
CA LYS A 16 13.52 -9.46 6.27
C LYS A 16 13.94 -7.98 6.31
N LEU A 17 14.00 -7.35 5.13
CA LEU A 17 14.34 -5.94 5.04
C LEU A 17 13.37 -5.09 5.88
N LEU A 18 12.09 -5.49 5.90
CA LEU A 18 11.06 -4.71 6.60
C LEU A 18 10.95 -5.05 8.08
N GLY A 19 11.75 -5.99 8.57
CA GLY A 19 11.65 -6.41 9.96
C GLY A 19 10.52 -7.40 10.24
N GLY A 20 10.05 -8.07 9.21
CA GLY A 20 9.00 -9.06 9.36
C GLY A 20 7.85 -8.91 8.37
N GLY A 21 7.65 -7.69 7.88
CA GLY A 21 6.55 -7.43 6.97
C GLY A 21 6.13 -5.97 7.08
N ILE A 22 5.12 -5.60 6.31
N ILE A 22 5.14 -5.54 6.31
CA ILE A 22 4.52 -4.26 6.37
CA ILE A 22 4.74 -4.14 6.41
C ILE A 22 3.87 -4.04 7.73
C ILE A 22 3.87 -3.98 7.65
N GLU A 23 4.11 -2.89 8.37
CA GLU A 23 3.55 -2.64 9.72
C GLU A 23 2.18 -1.98 9.75
N THR A 24 1.30 -2.43 10.65
CA THR A 24 0.14 -1.61 11.00
C THR A 24 0.60 -0.41 11.85
N GLN A 25 -0.28 0.57 12.01
CA GLN A 25 0.05 1.80 12.75
C GLN A 25 1.25 2.49 12.11
N ALA A 26 1.30 2.42 10.78
CA ALA A 26 2.38 3.00 9.98
C ALA A 26 1.90 3.29 8.56
N ILE A 27 2.50 4.29 7.93
CA ILE A 27 2.37 4.50 6.49
C ILE A 27 3.64 4.10 5.77
N THR A 28 3.54 3.09 4.90
CA THR A 28 4.66 2.66 4.08
C THR A 28 4.49 3.20 2.66
N GLU A 29 5.43 4.03 2.21
CA GLU A 29 5.43 4.58 0.86
C GLU A 29 6.40 3.80 -0.02
N VAL A 30 5.92 3.21 -1.12
CA VAL A 30 6.84 2.68 -2.13
C VAL A 30 6.96 3.71 -3.24
N PHE A 31 8.18 4.02 -3.67
CA PHE A 31 8.34 5.00 -4.73
C PHE A 31 9.36 4.51 -5.77
N GLY A 32 9.22 4.97 -7.00
CA GLY A 32 10.05 4.50 -8.09
C GLY A 32 9.46 4.86 -9.44
N GLU A 33 10.20 4.55 -10.49
CA GLU A 33 9.79 4.91 -11.85
C GLU A 33 8.58 4.10 -12.30
N PHE A 34 7.94 4.58 -13.37
CA PHE A 34 6.88 3.85 -14.04
C PHE A 34 7.38 2.45 -14.39
N GLY A 35 6.57 1.44 -14.07
CA GLY A 35 6.90 0.06 -14.38
C GLY A 35 7.79 -0.68 -13.38
N SER A 36 8.06 -0.07 -12.23
N SER A 36 8.07 -0.06 -12.24
CA SER A 36 8.98 -0.66 -11.26
CA SER A 36 8.96 -0.66 -11.24
C SER A 36 8.32 -1.77 -10.44
C SER A 36 8.31 -1.83 -10.53
N GLY A 37 6.99 -1.78 -10.42
CA GLY A 37 6.25 -2.83 -9.73
C GLY A 37 5.47 -2.38 -8.50
N LYS A 38 5.26 -1.07 -8.34
CA LYS A 38 4.58 -0.55 -7.15
C LYS A 38 3.16 -1.10 -7.02
N THR A 39 2.41 -1.10 -8.11
CA THR A 39 1.03 -1.58 -8.09
C THR A 39 0.98 -3.13 -7.98
N GLN A 40 2.00 -3.82 -8.49
CA GLN A 40 2.11 -5.25 -8.26
C GLN A 40 2.21 -5.57 -6.77
N LEU A 41 3.00 -4.78 -6.05
N LEU A 41 3.03 -4.79 -6.06
CA LEU A 41 3.15 -4.97 -4.62
CA LEU A 41 3.15 -4.93 -4.61
C LEU A 41 1.82 -4.68 -3.89
C LEU A 41 1.79 -4.71 -3.93
N ALA A 42 1.07 -3.69 -4.35
CA ALA A 42 -0.24 -3.39 -3.76
C ALA A 42 -1.24 -4.54 -3.97
N HIS A 43 -1.31 -5.09 -5.18
CA HIS A 43 -2.20 -6.23 -5.44
C HIS A 43 -1.81 -7.41 -4.54
N THR A 44 -0.51 -7.66 -4.42
CA THR A 44 0.00 -8.78 -3.61
C THR A 44 -0.43 -8.64 -2.15
N LEU A 45 -0.22 -7.45 -1.57
CA LEU A 45 -0.56 -7.20 -0.18
C LEU A 45 -2.08 -7.32 0.07
N ALA A 46 -2.89 -6.91 -0.90
CA ALA A 46 -4.35 -6.99 -0.78
C ALA A 46 -4.84 -8.43 -0.63
N VAL A 47 -4.04 -9.39 -1.10
CA VAL A 47 -4.33 -10.79 -0.88
C VAL A 47 -3.65 -11.33 0.39
N MET A 48 -2.35 -11.04 0.56
CA MET A 48 -1.61 -11.55 1.71
C MET A 48 -2.23 -11.20 3.07
N VAL A 49 -2.74 -9.98 3.20
CA VAL A 49 -3.30 -9.54 4.48
C VAL A 49 -4.52 -10.38 4.89
N GLN A 50 -5.15 -11.04 3.92
CA GLN A 50 -6.37 -11.81 4.19
C GLN A 50 -6.06 -13.20 4.74
N LEU A 51 -4.82 -13.64 4.61
CA LEU A 51 -4.35 -14.91 5.19
C LEU A 51 -4.41 -14.89 6.73
N PRO A 52 -4.53 -16.07 7.36
CA PRO A 52 -4.52 -16.07 8.82
C PRO A 52 -3.12 -15.72 9.36
N PRO A 53 -3.05 -15.31 10.64
CA PRO A 53 -1.78 -14.80 11.19
C PRO A 53 -0.60 -15.77 11.12
N GLU A 54 -0.85 -17.07 11.28
CA GLU A 54 0.28 -17.99 11.27
C GLU A 54 0.84 -18.19 9.87
N GLU A 55 0.13 -17.68 8.86
CA GLU A 55 0.61 -17.73 7.49
C GLU A 55 1.08 -16.36 7.02
N GLY A 56 1.18 -15.42 7.95
CA GLY A 56 1.76 -14.11 7.63
C GLY A 56 0.78 -12.99 7.35
N GLY A 57 -0.52 -13.27 7.39
CA GLY A 57 -1.51 -12.21 7.21
C GLY A 57 -2.09 -11.72 8.53
N LEU A 58 -3.19 -10.99 8.46
CA LEU A 58 -3.85 -10.51 9.67
C LEU A 58 -5.34 -10.82 9.68
N ASN A 59 -5.74 -11.82 8.90
CA ASN A 59 -7.15 -12.15 8.73
C ASN A 59 -7.99 -10.89 8.47
N GLY A 60 -7.49 -10.02 7.61
CA GLY A 60 -8.04 -8.70 7.48
C GLY A 60 -8.78 -8.37 6.20
N SER A 61 -9.61 -7.34 6.27
CA SER A 61 -10.26 -6.74 5.11
C SER A 61 -9.39 -5.61 4.55
N VAL A 62 -9.71 -5.18 3.33
CA VAL A 62 -8.91 -4.21 2.58
C VAL A 62 -9.79 -3.06 2.08
N MET A 63 -9.25 -1.85 2.11
CA MET A 63 -9.85 -0.73 1.39
C MET A 63 -8.83 -0.17 0.40
N TRP A 64 -9.28 0.20 -0.79
CA TRP A 64 -8.39 0.56 -1.90
C TRP A 64 -8.90 1.82 -2.57
N ILE A 65 -8.10 2.88 -2.54
CA ILE A 65 -8.40 4.13 -3.24
C ILE A 65 -7.52 4.23 -4.49
N ASP A 66 -8.14 4.19 -5.67
CA ASP A 66 -7.45 4.12 -6.95
C ASP A 66 -7.53 5.47 -7.68
N THR A 67 -6.40 6.01 -8.12
CA THR A 67 -6.41 7.29 -8.83
C THR A 67 -6.02 7.19 -10.31
N GLU A 68 -5.60 6.01 -10.76
CA GLU A 68 -5.11 5.84 -12.12
C GLU A 68 -5.79 4.68 -12.87
N ASN A 69 -6.88 4.15 -12.31
CA ASN A 69 -7.61 3.02 -12.89
C ASN A 69 -6.72 1.80 -13.11
N THR A 70 -5.81 1.57 -12.17
CA THR A 70 -4.84 0.48 -12.30
C THR A 70 -5.17 -0.76 -11.47
N PHE A 71 -6.25 -0.73 -10.69
CA PHE A 71 -6.69 -1.92 -9.95
C PHE A 71 -7.26 -2.93 -10.92
N ARG A 72 -6.75 -4.17 -10.84
CA ARG A 72 -7.21 -5.26 -11.71
C ARG A 72 -7.78 -6.43 -10.92
N PRO A 73 -9.11 -6.59 -10.90
CA PRO A 73 -9.69 -7.76 -10.23
C PRO A 73 -9.11 -9.08 -10.75
N GLU A 74 -8.72 -9.10 -12.03
CA GLU A 74 -8.14 -10.28 -12.66
CA GLU A 74 -8.17 -10.32 -12.61
C GLU A 74 -6.81 -10.68 -12.00
N ARG A 75 -6.05 -9.67 -11.59
CA ARG A 75 -4.76 -9.93 -10.96
C ARG A 75 -4.96 -10.44 -9.53
N ILE A 76 -5.94 -9.87 -8.82
CA ILE A 76 -6.33 -10.38 -7.50
C ILE A 76 -6.75 -11.85 -7.62
N ARG A 77 -7.57 -12.15 -8.63
CA ARG A 77 -8.01 -13.51 -8.85
C ARG A 77 -6.85 -14.49 -9.05
N GLU A 78 -5.89 -14.10 -9.88
CA GLU A 78 -4.73 -14.94 -10.17
C GLU A 78 -3.92 -15.23 -8.90
N ILE A 79 -3.61 -14.18 -8.14
CA ILE A 79 -2.82 -14.34 -6.92
C ILE A 79 -3.53 -15.22 -5.90
N ALA A 80 -4.83 -14.98 -5.70
CA ALA A 80 -5.63 -15.76 -4.76
C ALA A 80 -5.66 -17.24 -5.16
N GLN A 81 -5.97 -17.52 -6.42
CA GLN A 81 -6.03 -18.88 -6.97
C GLN A 81 -4.75 -19.65 -6.71
N ASN A 82 -3.62 -18.99 -6.95
CA ASN A 82 -2.34 -19.68 -6.86
C ASN A 82 -1.79 -19.73 -5.44
N ARG A 83 -2.56 -19.19 -4.49
CA ARG A 83 -2.18 -19.28 -3.08
C ARG A 83 -3.19 -20.11 -2.27
N GLY A 84 -4.06 -20.83 -2.98
CA GLY A 84 -5.00 -21.74 -2.34
C GLY A 84 -6.30 -21.12 -1.86
N LEU A 85 -6.56 -19.88 -2.28
CA LEU A 85 -7.68 -19.12 -1.77
C LEU A 85 -8.82 -19.05 -2.78
N ASP A 86 -10.03 -18.81 -2.29
CA ASP A 86 -11.16 -18.58 -3.16
C ASP A 86 -11.14 -17.15 -3.70
N PRO A 87 -10.97 -16.99 -5.02
CA PRO A 87 -10.83 -15.65 -5.61
C PRO A 87 -12.04 -14.75 -5.35
N ASP A 88 -13.25 -15.32 -5.40
CA ASP A 88 -14.44 -14.49 -5.20
C ASP A 88 -14.55 -13.99 -3.77
N GLU A 89 -14.18 -14.83 -2.80
CA GLU A 89 -14.15 -14.39 -1.40
C GLU A 89 -13.07 -13.32 -1.16
N VAL A 90 -11.89 -13.51 -1.73
CA VAL A 90 -10.82 -12.52 -1.60
C VAL A 90 -11.26 -11.16 -2.18
N LEU A 91 -11.91 -11.19 -3.34
CA LEU A 91 -12.43 -9.96 -3.95
C LEU A 91 -13.52 -9.29 -3.09
N LYS A 92 -14.39 -10.09 -2.49
CA LYS A 92 -15.47 -9.56 -1.65
C LYS A 92 -14.96 -8.73 -0.46
N HIS A 93 -13.74 -9.04 0.01
CA HIS A 93 -13.18 -8.36 1.19
C HIS A 93 -12.26 -7.22 0.81
N ILE A 94 -12.26 -6.85 -0.47
CA ILE A 94 -11.62 -5.63 -0.92
C ILE A 94 -12.67 -4.58 -1.28
N ALA A 95 -12.73 -3.51 -0.49
CA ALA A 95 -13.64 -2.40 -0.75
C ALA A 95 -12.94 -1.35 -1.58
N TYR A 96 -13.51 -1.04 -2.73
CA TYR A 96 -12.83 -0.27 -3.78
C TYR A 96 -13.53 1.04 -4.15
N ALA A 97 -12.75 2.12 -4.24
CA ALA A 97 -13.27 3.41 -4.72
C ALA A 97 -12.26 4.10 -5.62
N ARG A 98 -12.77 4.76 -6.67
CA ARG A 98 -11.95 5.60 -7.54
C ARG A 98 -12.03 7.05 -7.10
N ALA A 99 -10.88 7.67 -6.94
CA ALA A 99 -10.81 9.09 -6.61
C ALA A 99 -10.71 9.90 -7.90
N PHE A 100 -11.64 10.84 -8.06
CA PHE A 100 -11.74 11.64 -9.30
C PHE A 100 -10.68 12.73 -9.42
N ASN A 101 -10.31 13.32 -8.28
CA ASN A 101 -9.30 14.36 -8.21
C ASN A 101 -8.72 14.38 -6.79
N SER A 102 -7.77 15.28 -6.49
CA SER A 102 -7.11 15.22 -5.19
C SER A 102 -8.03 15.59 -4.03
N ASN A 103 -9.02 16.45 -4.29
CA ASN A 103 -9.95 16.85 -3.24
C ASN A 103 -10.91 15.71 -2.86
N HIS A 104 -11.34 14.96 -3.87
CA HIS A 104 -12.16 13.77 -3.68
C HIS A 104 -11.33 12.69 -2.98
N GLN A 105 -10.08 12.55 -3.38
CA GLN A 105 -9.14 11.64 -2.72
C GLN A 105 -9.05 11.92 -1.22
N MET A 106 -8.99 13.21 -0.85
CA MET A 106 -8.88 13.59 0.55
C MET A 106 -10.18 13.26 1.30
N LEU A 107 -11.33 13.52 0.66
CA LEU A 107 -12.62 13.22 1.30
C LEU A 107 -12.83 11.71 1.48
N LEU A 108 -12.32 10.93 0.54
CA LEU A 108 -12.47 9.47 0.61
C LEU A 108 -11.81 8.85 1.85
N VAL A 109 -10.80 9.52 2.40
CA VAL A 109 -10.22 9.07 3.68
C VAL A 109 -11.24 9.20 4.82
N GLN A 110 -12.01 10.29 4.83
CA GLN A 110 -13.09 10.42 5.82
C GLN A 110 -14.18 9.38 5.59
N GLN A 111 -14.51 9.14 4.32
CA GLN A 111 -15.49 8.11 3.99
C GLN A 111 -15.06 6.71 4.44
N ALA A 112 -13.78 6.39 4.27
CA ALA A 112 -13.26 5.07 4.63
C ALA A 112 -13.46 4.77 6.12
N GLU A 113 -13.44 5.81 6.96
CA GLU A 113 -13.56 5.61 8.41
C GLU A 113 -14.89 4.95 8.77
N ASP A 114 -15.94 5.19 7.97
CA ASP A 114 -17.22 4.56 8.25
C ASP A 114 -17.17 3.03 8.18
N MET A 115 -16.59 2.49 7.11
CA MET A 115 -16.48 1.04 7.00
C MET A 115 -15.47 0.48 8.01
N ILE A 116 -14.41 1.23 8.29
CA ILE A 116 -13.45 0.79 9.31
C ILE A 116 -14.13 0.58 10.66
N LYS A 117 -14.93 1.56 11.09
CA LYS A 117 -15.69 1.41 12.33
C LYS A 117 -16.64 0.22 12.30
N GLU A 118 -17.33 0.05 11.17
CA GLU A 118 -18.29 -1.04 11.03
C GLU A 118 -17.68 -2.42 11.20
N LEU A 119 -16.51 -2.63 10.60
CA LEU A 119 -15.91 -3.97 10.56
C LEU A 119 -14.99 -4.24 11.76
N LEU A 120 -14.81 -3.23 12.59
CA LEU A 120 -13.80 -3.24 13.64
C LEU A 120 -13.90 -4.47 14.55
N ASN A 121 -15.12 -4.88 14.87
CA ASN A 121 -15.31 -6.03 15.75
C ASN A 121 -15.84 -7.28 15.05
N THR A 122 -15.76 -7.33 13.73
CA THR A 122 -16.01 -8.57 13.01
C THR A 122 -14.74 -9.43 13.01
N ASP A 123 -14.83 -10.60 12.39
N ASP A 123 -14.81 -10.60 12.41
CA ASP A 123 -13.70 -11.52 12.31
CA ASP A 123 -13.66 -11.49 12.35
C ASP A 123 -12.69 -11.08 11.26
C ASP A 123 -12.67 -11.04 11.28
N ARG A 124 -13.08 -10.09 10.45
CA ARG A 124 -12.18 -9.55 9.42
C ARG A 124 -12.21 -8.02 9.41
N PRO A 125 -11.65 -7.39 10.45
CA PRO A 125 -11.55 -5.92 10.48
C PRO A 125 -10.66 -5.42 9.35
N VAL A 126 -10.81 -4.15 8.97
CA VAL A 126 -9.89 -3.57 7.99
C VAL A 126 -8.48 -3.58 8.56
N LYS A 127 -7.54 -4.14 7.80
CA LYS A 127 -6.14 -4.17 8.24
C LYS A 127 -5.18 -3.55 7.22
N LEU A 128 -5.68 -3.21 6.04
CA LEU A 128 -4.87 -2.63 4.98
C LEU A 128 -5.66 -1.57 4.21
N LEU A 129 -5.09 -0.36 4.09
CA LEU A 129 -5.67 0.72 3.27
C LEU A 129 -4.62 1.11 2.23
N ILE A 130 -4.97 0.96 0.96
CA ILE A 130 -4.09 1.28 -0.16
C ILE A 130 -4.51 2.59 -0.82
N VAL A 131 -3.54 3.48 -1.08
CA VAL A 131 -3.75 4.64 -1.93
C VAL A 131 -2.76 4.56 -3.08
N ASP A 132 -3.27 4.37 -4.30
CA ASP A 132 -2.46 4.14 -5.50
C ASP A 132 -3.10 4.92 -6.66
N SER A 133 -2.59 6.10 -7.04
CA SER A 133 -1.35 6.73 -6.57
C SER A 133 -1.58 7.80 -5.51
N LEU A 134 -0.70 7.90 -4.52
CA LEU A 134 -0.83 8.92 -3.50
C LEU A 134 -0.72 10.35 -4.10
N THR A 135 0.12 10.49 -5.11
CA THR A 135 0.59 11.81 -5.55
C THR A 135 0.18 12.25 -6.94
N SER A 136 -0.34 11.35 -7.78
CA SER A 136 -0.59 11.66 -9.19
C SER A 136 -1.55 12.85 -9.38
N HIS A 137 -2.68 12.86 -8.66
CA HIS A 137 -3.61 13.99 -8.75
C HIS A 137 -2.99 15.30 -8.26
N PHE A 138 -2.23 15.22 -7.15
CA PHE A 138 -1.59 16.42 -6.59
C PHE A 138 -0.57 17.00 -7.57
N ARG A 139 0.13 16.11 -8.28
CA ARG A 139 1.12 16.53 -9.27
C ARG A 139 0.47 17.24 -10.47
N SER A 140 -0.69 16.72 -10.87
CA SER A 140 -1.42 17.27 -12.01
C SER A 140 -2.04 18.63 -11.68
N GLU A 141 -2.57 18.75 -10.46
CA GLU A 141 -3.38 19.91 -10.08
C GLU A 141 -2.60 21.08 -9.51
N TYR A 142 -1.61 20.81 -8.67
CA TYR A 142 -0.83 21.87 -8.05
C TYR A 142 0.51 21.95 -8.77
N ILE A 143 0.63 22.89 -9.69
CA ILE A 143 1.75 22.93 -10.62
C ILE A 143 2.03 24.38 -11.04
N GLY A 144 3.32 24.74 -11.13
CA GLY A 144 3.70 26.10 -11.49
C GLY A 144 4.11 26.93 -10.28
N ARG A 145 4.46 28.20 -10.52
CA ARG A 145 4.91 29.08 -9.43
C ARG A 145 3.91 29.13 -8.27
N GLY A 146 4.40 28.91 -7.05
CA GLY A 146 3.54 28.88 -5.87
C GLY A 146 3.04 27.49 -5.49
N ALA A 147 3.18 26.54 -6.41
CA ALA A 147 2.60 25.21 -6.19
C ALA A 147 3.36 24.35 -5.19
N LEU A 148 4.68 24.52 -5.09
CA LEU A 148 5.46 23.68 -4.20
C LEU A 148 4.95 23.79 -2.76
N ALA A 149 4.83 25.01 -2.26
CA ALA A 149 4.37 25.24 -0.88
C ALA A 149 2.96 24.73 -0.66
N GLU A 150 2.08 25.05 -1.60
CA GLU A 150 0.67 24.69 -1.47
C GLU A 150 0.46 23.17 -1.54
N ARG A 151 1.12 22.53 -2.49
N ARG A 151 1.12 22.52 -2.49
CA ARG A 151 1.00 21.08 -2.69
CA ARG A 151 0.96 21.07 -2.65
C ARG A 151 1.51 20.33 -1.46
C ARG A 151 1.48 20.35 -1.42
N GLN A 152 2.62 20.80 -0.89
CA GLN A 152 3.21 20.16 0.28
C GLN A 152 2.31 20.30 1.51
N GLN A 153 1.62 21.43 1.64
CA GLN A 153 0.67 21.62 2.73
C GLN A 153 -0.55 20.70 2.61
N LYS A 154 -1.09 20.59 1.40
CA LYS A 154 -2.24 19.72 1.17
C LYS A 154 -1.85 18.26 1.40
N LEU A 155 -0.71 17.84 0.87
CA LEU A 155 -0.25 16.47 1.06
C LEU A 155 0.02 16.20 2.53
N ALA A 156 0.57 17.18 3.24
CA ALA A 156 0.82 17.01 4.67
C ALA A 156 -0.47 16.71 5.43
N LYS A 157 -1.54 17.43 5.09
CA LYS A 157 -2.84 17.22 5.72
C LYS A 157 -3.40 15.83 5.36
N HIS A 158 -3.32 15.47 4.08
CA HIS A 158 -3.78 14.15 3.60
C HIS A 158 -3.06 13.03 4.35
N LEU A 159 -1.75 13.17 4.49
CA LEU A 159 -0.97 12.16 5.18
C LEU A 159 -1.24 12.12 6.69
N ALA A 160 -1.51 13.28 7.30
CA ALA A 160 -1.96 13.27 8.70
C ALA A 160 -3.29 12.52 8.89
N ASP A 161 -4.23 12.69 7.95
CA ASP A 161 -5.51 11.99 8.02
C ASP A 161 -5.26 10.48 7.94
N LEU A 162 -4.34 10.08 7.06
CA LEU A 162 -4.01 8.66 6.89
C LEU A 162 -3.27 8.11 8.10
N HIS A 163 -2.36 8.88 8.68
CA HIS A 163 -1.68 8.46 9.91
C HIS A 163 -2.71 8.21 11.02
N ARG A 164 -3.72 9.08 11.11
CA ARG A 164 -4.72 8.92 12.15
C ARG A 164 -5.48 7.59 11.99
N LEU A 165 -5.91 7.26 10.77
CA LEU A 165 -6.59 5.97 10.57
C LEU A 165 -5.67 4.80 10.92
N ALA A 166 -4.42 4.84 10.45
CA ALA A 166 -3.46 3.78 10.75
C ALA A 166 -3.30 3.57 12.25
N ASN A 167 -3.14 4.68 12.97
CA ASN A 167 -2.81 4.63 14.39
C ASN A 167 -4.03 4.39 15.28
N LEU A 168 -5.17 4.95 14.91
CA LEU A 168 -6.39 4.83 15.71
C LEU A 168 -7.05 3.45 15.57
N TYR A 169 -6.94 2.86 14.39
CA TYR A 169 -7.66 1.61 14.11
C TYR A 169 -6.76 0.42 13.81
N ASP A 170 -5.45 0.57 14.05
CA ASP A 170 -4.48 -0.54 13.90
C ASP A 170 -4.48 -1.09 12.46
N ILE A 171 -4.22 -0.19 11.51
CA ILE A 171 -4.25 -0.50 10.08
C ILE A 171 -2.88 -0.24 9.43
N ALA A 172 -2.46 -1.08 8.48
CA ALA A 172 -1.31 -0.77 7.65
C ALA A 172 -1.74 0.08 6.47
N VAL A 173 -1.18 1.28 6.34
CA VAL A 173 -1.47 2.11 5.17
C VAL A 173 -0.29 1.99 4.19
N PHE A 174 -0.61 1.63 2.95
CA PHE A 174 0.40 1.39 1.90
C PHE A 174 0.09 2.31 0.73
N VAL A 175 1.05 3.17 0.38
CA VAL A 175 0.84 4.18 -0.65
C VAL A 175 1.94 4.16 -1.72
N THR A 176 1.61 4.55 -2.94
CA THR A 176 2.58 4.53 -4.04
C THR A 176 2.85 5.95 -4.55
N ASN A 177 4.06 6.15 -5.09
CA ASN A 177 4.48 7.46 -5.58
C ASN A 177 5.43 7.28 -6.77
N GLN A 178 5.05 7.80 -7.94
CA GLN A 178 5.89 7.70 -9.13
C GLN A 178 6.95 8.81 -9.21
N VAL A 179 8.21 8.41 -9.33
CA VAL A 179 9.33 9.34 -9.36
C VAL A 179 10.19 9.10 -10.59
N GLN A 180 10.56 10.17 -11.30
CA GLN A 180 11.37 10.03 -12.50
C GLN A 180 12.83 9.72 -12.16
N HIS A 185 14.05 15.98 -6.17
CA HIS A 185 14.19 15.01 -5.08
C HIS A 185 14.61 15.67 -3.77
N ILE A 186 14.10 16.87 -3.48
N ILE A 186 14.03 16.83 -3.49
CA ILE A 186 14.43 17.51 -2.22
CA ILE A 186 14.41 17.61 -2.31
C ILE A 186 13.19 17.90 -1.42
C ILE A 186 13.19 17.89 -1.42
N LEU A 187 12.03 17.37 -1.79
CA LEU A 187 10.80 17.64 -1.04
C LEU A 187 10.69 16.82 0.25
N ALA A 188 10.03 17.40 1.25
CA ALA A 188 9.73 16.70 2.49
C ALA A 188 8.73 15.57 2.28
N HIS A 189 8.85 14.52 3.09
CA HIS A 189 7.91 13.38 3.06
C HIS A 189 7.51 13.03 4.50
N SER A 190 6.26 12.61 4.72
CA SER A 190 5.85 12.29 6.09
C SER A 190 5.39 10.85 6.25
N ALA A 191 5.64 10.01 5.25
CA ALA A 191 5.45 8.57 5.44
C ALA A 191 6.30 8.05 6.60
N THR A 192 5.86 6.98 7.24
CA THR A 192 6.64 6.35 8.30
C THR A 192 7.94 5.72 7.74
N LEU A 193 7.80 4.98 6.64
CA LEU A 193 8.90 4.23 6.02
C LEU A 193 8.82 4.44 4.52
N ARG A 194 9.96 4.73 3.89
CA ARG A 194 10.03 4.87 2.44
C ARG A 194 10.89 3.79 1.79
N VAL A 195 10.31 3.10 0.82
CA VAL A 195 10.97 2.01 0.08
C VAL A 195 11.16 2.42 -1.37
N TYR A 196 12.42 2.50 -1.81
CA TYR A 196 12.74 2.75 -3.21
C TYR A 196 12.74 1.44 -4.00
N LEU A 197 11.88 1.36 -5.01
CA LEU A 197 11.73 0.18 -5.85
C LEU A 197 12.23 0.46 -7.27
N ARG A 198 12.94 -0.48 -7.86
CA ARG A 198 13.36 -0.33 -9.25
C ARG A 198 13.37 -1.67 -9.98
N LYS A 199 13.21 -1.61 -11.30
CA LYS A 199 13.31 -2.78 -12.15
C LYS A 199 14.74 -2.89 -12.67
N GLY A 200 15.40 -4.00 -12.37
CA GLY A 200 16.77 -4.21 -12.81
C GLY A 200 16.89 -5.27 -13.90
N LYS A 201 18.10 -5.78 -14.08
CA LYS A 201 18.37 -6.73 -15.14
C LYS A 201 17.61 -8.04 -14.92
N GLY A 202 17.16 -8.63 -16.02
CA GLY A 202 16.35 -9.83 -15.96
C GLY A 202 14.92 -9.57 -15.50
N GLY A 203 14.57 -8.29 -15.37
CA GLY A 203 13.26 -7.93 -14.87
C GLY A 203 13.10 -8.18 -13.39
N LYS A 204 14.18 -8.59 -12.72
CA LYS A 204 14.17 -8.67 -11.25
C LYS A 204 13.77 -7.32 -10.69
N ARG A 205 13.10 -7.31 -9.55
CA ARG A 205 12.78 -6.06 -8.87
C ARG A 205 13.63 -5.93 -7.61
N ILE A 206 14.15 -4.73 -7.37
CA ILE A 206 15.09 -4.51 -6.28
C ILE A 206 14.54 -3.41 -5.35
N ALA A 207 14.51 -3.70 -4.05
CA ALA A 207 13.99 -2.74 -3.07
C ALA A 207 15.03 -2.32 -2.05
N ARG A 208 15.04 -1.03 -1.72
CA ARG A 208 15.98 -0.46 -0.76
C ARG A 208 15.24 0.50 0.18
N LEU A 209 15.54 0.43 1.48
CA LEU A 209 14.96 1.40 2.43
C LEU A 209 15.69 2.73 2.37
N ILE A 210 14.94 3.81 2.46
CA ILE A 210 15.53 5.13 2.41
C ILE A 210 15.42 5.78 3.78
N ASP A 211 16.55 6.23 4.32
CA ASP A 211 16.59 6.90 5.61
C ASP A 211 16.02 6.03 6.74
N ALA A 212 16.45 4.77 6.82
CA ALA A 212 15.96 3.85 7.85
C ALA A 212 17.10 3.12 8.57
N PRO A 213 17.88 3.86 9.39
CA PRO A 213 19.11 3.39 10.04
C PRO A 213 18.98 2.10 10.87
N HIS A 214 17.86 1.93 11.55
CA HIS A 214 17.71 0.84 12.51
C HIS A 214 17.23 -0.46 11.86
N LEU A 215 16.90 -0.41 10.59
CA LEU A 215 16.46 -1.59 9.84
C LEU A 215 17.63 -2.19 9.06
N PRO A 216 17.57 -3.50 8.74
CA PRO A 216 18.74 -4.22 8.19
C PRO A 216 19.29 -3.58 6.91
N GLU A 217 20.61 -3.36 6.89
CA GLU A 217 21.26 -2.81 5.70
C GLU A 217 21.20 -3.85 4.58
N GLY A 218 21.03 -3.36 3.35
CA GLY A 218 21.00 -4.21 2.18
C GLY A 218 19.83 -3.94 1.26
N GLU A 219 19.62 -4.85 0.31
CA GLU A 219 18.53 -4.73 -0.66
C GLU A 219 17.81 -6.07 -0.82
N ALA A 220 16.48 -5.99 -0.90
CA ALA A 220 15.67 -7.15 -1.24
C ALA A 220 15.54 -7.30 -2.75
N VAL A 221 15.50 -8.54 -3.22
CA VAL A 221 15.38 -8.81 -4.66
C VAL A 221 14.34 -9.91 -4.92
N PHE A 222 13.36 -9.65 -5.79
CA PHE A 222 12.30 -10.63 -6.04
C PHE A 222 11.78 -10.58 -7.47
N SER A 223 10.97 -11.57 -7.84
CA SER A 223 10.31 -11.58 -9.14
C SER A 223 8.80 -11.41 -8.99
N ILE A 224 8.18 -10.82 -10.01
CA ILE A 224 6.71 -10.79 -10.12
C ILE A 224 6.26 -12.15 -10.68
N THR A 225 5.38 -12.85 -9.96
CA THR A 225 4.93 -14.18 -10.40
C THR A 225 3.42 -14.31 -10.27
N GLU A 226 2.89 -15.49 -10.61
CA GLU A 226 1.46 -15.73 -10.49
C GLU A 226 0.99 -15.77 -9.02
N LYS A 227 1.92 -15.84 -8.08
CA LYS A 227 1.59 -15.82 -6.65
C LYS A 227 1.72 -14.44 -6.04
N GLY A 228 2.05 -13.46 -6.87
CA GLY A 228 2.28 -12.10 -6.39
C GLY A 228 3.73 -11.76 -6.60
N ILE A 229 4.53 -11.88 -5.55
CA ILE A 229 5.99 -11.78 -5.65
C ILE A 229 6.67 -12.94 -4.90
N GLU A 230 7.82 -13.37 -5.43
CA GLU A 230 8.59 -14.48 -4.88
C GLU A 230 10.08 -14.27 -5.13
N ASP A 231 10.92 -14.69 -4.19
CA ASP A 231 12.36 -14.53 -4.38
C ASP A 231 12.95 -15.58 -5.31
C ACE B 1 -17.62 4.03 -2.71
O ACE B 1 -17.35 3.65 -3.85
CH3 ACE B 1 -18.35 5.33 -2.45
N PHE B 2 -17.25 3.38 -1.62
CA PHE B 2 -16.57 2.08 -1.69
C PHE B 2 -17.56 0.97 -2.03
N HIS B 3 -17.14 0.04 -2.89
CA HIS B 3 -17.95 -1.14 -3.23
C HIS B 3 -17.07 -2.38 -3.27
N PRO B 4 -17.63 -3.58 -2.98
CA PRO B 4 -16.82 -4.81 -3.10
C PRO B 4 -16.20 -4.98 -4.49
N ALA B 5 -14.99 -5.53 -4.55
CA ALA B 5 -14.20 -5.58 -5.78
C ALA B 5 -14.65 -6.65 -6.79
N NH2 B 6 -15.45 -7.59 -6.33
P PO4 C . 4.37 0.69 -11.35
O1 PO4 C . 4.59 -0.66 -11.97
O2 PO4 C . 3.04 0.67 -10.61
O3 PO4 C . 5.48 1.04 -10.39
O4 PO4 C . 4.26 1.74 -12.44
P PO4 D . 8.92 13.41 -4.82
O1 PO4 D . 8.48 13.24 -6.25
O2 PO4 D . 10.35 12.91 -4.65
O3 PO4 D . 8.85 14.87 -4.45
O4 PO4 D . 8.01 12.62 -3.90
#